data_8IKX
#
_entry.id   8IKX
#
_cell.length_a   39.212
_cell.length_b   43.540
_cell.length_c   63.478
_cell.angle_alpha   94.590
_cell.angle_beta   99.990
_cell.angle_gamma   110.550
#
_symmetry.space_group_name_H-M   'P 1'
#
loop_
_entity.id
_entity.type
_entity.pdbx_description
1 polymer 'Pectin lyase-like superfamily protein'
2 branched alpha-D-mannopyranose-(1-3)-[alpha-D-mannopyranose-(1-6)]alpha-D-mannopyranose-(1-6)-[alpha-D-mannopyranose-(1-3)]beta-D-mannopyranose-(1-4)-2-acetamido-2-deoxy-beta-D-glucopyranose-(1-4)-2-acetamido-2-deoxy-beta-D-glucopyranose
3 non-polymer 2-acetamido-2-deoxy-beta-D-glucopyranose
4 water water
#
_entity_poly.entity_id   1
_entity_poly.type   'polypeptide(L)'
_entity_poly.pdbx_seq_one_letter_code
;GTINVLDHGAKGDGTSDDTKAFEDAWQVACKVAASTLLVPSGSTFLVGPVSFLGKECKEKIVFQLEGKIIAPTSASAWGS
GLLQWIEFKALQGITIKGKGIIDGRGSVWWNDMMGTKMPRTKPTALRFYGSNGVTVSGITIQNSPQTHLKFDNCISIQVS
DFTTSSPGDSPNTDGIHLQNSQDAVIYRSTLACGDDCISIQTGCSNINIHDVDCGPGHGISIGGLGKDNTKACVSNITVR
DVTMHETTNGVRIKSWQGGSGSVKQVMFSNIQVSNVANPIIIDQYYCDGGGCHNETSAVAVSNINYINIKGTYTKEPVRF
ACSDSLPCTGISLSTIELKPATGKASSLDPFCWKAHGELKTKTLPPIQCLKTEKSPEAASRSNNDACHHH
;
_entity_poly.pdbx_strand_id   A
#
# COMPACT_ATOMS: atom_id res chain seq x y z
N GLY A 1 -25.42 -18.35 -17.01
CA GLY A 1 -25.51 -18.62 -15.59
C GLY A 1 -25.05 -17.42 -14.79
N THR A 2 -24.53 -16.42 -15.49
CA THR A 2 -23.98 -15.24 -14.82
C THR A 2 -25.10 -14.45 -14.14
N ILE A 3 -24.82 -13.96 -12.93
CA ILE A 3 -25.79 -13.26 -12.10
C ILE A 3 -25.59 -11.77 -12.35
N ASN A 4 -26.36 -11.18 -13.27
CA ASN A 4 -26.26 -9.74 -13.55
C ASN A 4 -27.06 -8.98 -12.50
N VAL A 5 -26.44 -7.96 -11.88
CA VAL A 5 -27.15 -7.21 -10.85
C VAL A 5 -28.45 -6.60 -11.36
N LEU A 6 -28.56 -6.34 -12.67
CA LEU A 6 -29.79 -5.75 -13.20
C LEU A 6 -30.96 -6.73 -13.15
N ASP A 7 -30.69 -8.00 -12.95
CA ASP A 7 -31.74 -8.99 -12.76
C ASP A 7 -32.10 -9.18 -11.29
N HIS A 8 -31.51 -8.37 -10.40
CA HIS A 8 -31.78 -8.47 -8.97
C HIS A 8 -32.15 -7.11 -8.39
N GLY A 9 -32.74 -6.24 -9.23
CA GLY A 9 -33.32 -5.00 -8.77
C GLY A 9 -32.45 -3.78 -8.92
N ALA A 10 -31.23 -3.91 -9.46
CA ALA A 10 -30.40 -2.74 -9.66
C ALA A 10 -30.92 -1.91 -10.82
N LYS A 11 -30.92 -0.58 -10.63
CA LYS A 11 -31.39 0.33 -11.67
C LYS A 11 -30.29 0.76 -12.61
N GLY A 12 -29.04 0.83 -12.15
CA GLY A 12 -27.96 1.14 -13.06
C GLY A 12 -28.07 2.50 -13.70
N ASP A 13 -28.60 3.47 -12.98
CA ASP A 13 -28.79 4.82 -13.51
C ASP A 13 -27.86 5.83 -12.87
N GLY A 14 -27.02 5.40 -11.94
CA GLY A 14 -26.14 6.31 -11.24
C GLY A 14 -26.80 7.25 -10.25
N THR A 15 -28.11 7.13 -10.04
CA THR A 15 -28.84 8.02 -9.14
C THR A 15 -29.68 7.28 -8.11
N SER A 16 -30.21 6.10 -8.49
CA SER A 16 -30.94 5.27 -7.55
C SER A 16 -29.95 4.45 -6.74
N ASP A 17 -30.19 4.33 -5.43
CA ASP A 17 -29.32 3.53 -4.57
C ASP A 17 -29.50 2.05 -4.88
N ASP A 18 -28.45 1.42 -5.42
CA ASP A 18 -28.51 0.00 -5.80
C ASP A 18 -27.88 -0.92 -4.76
N THR A 19 -27.56 -0.42 -3.55
CA THR A 19 -26.90 -1.25 -2.54
C THR A 19 -27.65 -2.55 -2.26
N LYS A 20 -28.96 -2.45 -1.99
CA LYS A 20 -29.72 -3.65 -1.64
C LYS A 20 -29.69 -4.64 -2.79
N ALA A 21 -29.81 -4.14 -4.03
CA ALA A 21 -29.75 -5.03 -5.19
C ALA A 21 -28.42 -5.77 -5.25
N PHE A 22 -27.31 -5.08 -4.95
CA PHE A 22 -26.01 -5.76 -4.94
C PHE A 22 -25.95 -6.80 -3.81
N GLU A 23 -26.52 -6.48 -2.64
CA GLU A 23 -26.57 -7.46 -1.56
C GLU A 23 -27.38 -8.69 -1.96
N ASP A 24 -28.48 -8.47 -2.68
CA ASP A 24 -29.34 -9.60 -3.08
C ASP A 24 -28.64 -10.47 -4.13
N ALA A 25 -28.00 -9.83 -5.11
CA ALA A 25 -27.24 -10.60 -6.09
C ALA A 25 -26.14 -11.38 -5.40
N TRP A 26 -25.49 -10.77 -4.41
CA TRP A 26 -24.42 -11.47 -3.71
C TRP A 26 -24.95 -12.71 -3.01
N GLN A 27 -26.13 -12.61 -2.38
CA GLN A 27 -26.69 -13.79 -1.71
C GLN A 27 -26.91 -14.93 -2.70
N VAL A 28 -27.32 -14.60 -3.93
CA VAL A 28 -27.45 -15.62 -4.97
C VAL A 28 -26.08 -16.26 -5.28
N ALA A 29 -25.06 -15.43 -5.51
CA ALA A 29 -23.74 -15.96 -5.87
C ALA A 29 -23.09 -16.72 -4.72
N CYS A 30 -23.33 -16.27 -3.49
CA CYS A 30 -22.69 -16.79 -2.29
C CYS A 30 -22.97 -18.27 -2.13
N LYS A 31 -24.13 -18.72 -2.61
CA LYS A 31 -24.55 -20.11 -2.42
C LYS A 31 -24.04 -21.06 -3.50
N VAL A 32 -23.37 -20.57 -4.54
CA VAL A 32 -23.01 -21.40 -5.68
C VAL A 32 -21.52 -21.27 -5.92
N ALA A 33 -20.79 -22.37 -5.75
CA ALA A 33 -19.36 -22.37 -6.01
C ALA A 33 -19.08 -22.00 -7.46
N ALA A 34 -18.07 -21.16 -7.66
CA ALA A 34 -17.60 -20.75 -8.98
C ALA A 34 -18.62 -19.92 -9.75
N SER A 35 -19.58 -19.34 -9.04
CA SER A 35 -20.54 -18.47 -9.67
C SER A 35 -19.89 -17.14 -10.06
N THR A 36 -20.57 -16.40 -10.95
CA THR A 36 -20.11 -15.09 -11.41
C THR A 36 -21.21 -14.09 -11.17
N LEU A 37 -20.90 -13.02 -10.44
CA LEU A 37 -21.78 -11.87 -10.31
C LEU A 37 -21.25 -10.80 -11.26
N LEU A 38 -22.08 -10.32 -12.18
CA LEU A 38 -21.65 -9.36 -13.19
C LEU A 38 -22.23 -8.00 -12.86
N VAL A 39 -21.34 -7.01 -12.79
CA VAL A 39 -21.70 -5.61 -12.77
C VAL A 39 -21.43 -5.18 -14.21
N PRO A 40 -22.45 -5.02 -15.05
CA PRO A 40 -22.26 -5.02 -16.50
C PRO A 40 -21.71 -3.72 -17.07
N SER A 41 -20.95 -3.88 -18.15
CA SER A 41 -20.46 -2.75 -18.93
C SER A 41 -21.63 -1.94 -19.46
N GLY A 42 -21.42 -0.63 -19.53
CA GLY A 42 -22.45 0.25 -20.03
C GLY A 42 -23.43 0.75 -19.01
N SER A 43 -23.27 0.37 -17.74
CA SER A 43 -24.16 0.85 -16.69
C SER A 43 -23.33 1.38 -15.53
N THR A 44 -23.89 2.36 -14.82
CA THR A 44 -23.25 2.95 -13.65
C THR A 44 -24.16 2.72 -12.45
N PHE A 45 -23.58 2.28 -11.35
CA PHE A 45 -24.33 1.87 -10.18
C PHE A 45 -23.91 2.67 -8.97
N LEU A 46 -24.86 3.38 -8.37
CA LEU A 46 -24.67 4.06 -7.10
C LEU A 46 -24.80 3.03 -5.99
N VAL A 47 -23.72 2.81 -5.24
CA VAL A 47 -23.70 1.77 -4.21
C VAL A 47 -23.05 2.36 -2.98
N GLY A 48 -23.72 2.25 -1.84
CA GLY A 48 -23.18 2.76 -0.59
C GLY A 48 -22.34 1.73 0.12
N PRO A 49 -22.02 1.98 1.39
CA PRO A 49 -21.30 0.97 2.18
C PRO A 49 -21.96 -0.40 2.08
N VAL A 50 -21.15 -1.40 1.78
CA VAL A 50 -21.65 -2.74 1.50
C VAL A 50 -20.58 -3.75 1.86
N SER A 51 -20.99 -4.87 2.43
CA SER A 51 -20.06 -5.93 2.80
C SER A 51 -20.56 -7.21 2.17
N PHE A 52 -19.71 -7.80 1.33
CA PHE A 52 -19.96 -9.10 0.75
C PHE A 52 -19.30 -10.09 1.71
N LEU A 53 -20.13 -10.67 2.58
CA LEU A 53 -19.67 -11.46 3.71
C LEU A 53 -19.82 -12.91 3.33
N GLY A 54 -18.85 -13.72 3.73
CA GLY A 54 -18.77 -15.00 3.08
C GLY A 54 -18.32 -16.23 3.81
N LYS A 55 -18.30 -16.25 5.15
CA LYS A 55 -17.87 -17.47 5.82
C LYS A 55 -18.68 -18.67 5.33
N GLU A 56 -19.97 -18.48 5.12
CA GLU A 56 -20.84 -19.51 4.57
C GLU A 56 -20.87 -19.53 3.05
N CYS A 57 -20.21 -18.59 2.39
CA CYS A 57 -20.24 -18.60 0.94
C CYS A 57 -19.30 -19.66 0.39
N LYS A 58 -19.57 -20.05 -0.85
CA LYS A 58 -18.79 -21.08 -1.49
C LYS A 58 -17.49 -20.49 -2.05
N GLU A 59 -16.61 -21.37 -2.53
CA GLU A 59 -15.31 -20.94 -3.05
C GLU A 59 -15.39 -20.54 -4.52
N LYS A 60 -14.39 -19.77 -4.94
CA LYS A 60 -14.13 -19.48 -6.35
C LYS A 60 -15.17 -18.56 -6.98
N ILE A 61 -15.83 -17.74 -6.17
CA ILE A 61 -16.78 -16.78 -6.71
C ILE A 61 -16.02 -15.70 -7.48
N VAL A 62 -16.61 -15.26 -8.59
CA VAL A 62 -16.07 -14.19 -9.41
C VAL A 62 -17.03 -13.02 -9.34
N PHE A 63 -16.52 -11.88 -8.89
CA PHE A 63 -17.23 -10.60 -8.95
C PHE A 63 -16.66 -9.88 -10.17
N GLN A 64 -17.40 -9.93 -11.27
CA GLN A 64 -16.92 -9.41 -12.55
C GLN A 64 -17.39 -7.97 -12.70
N LEU A 65 -16.45 -7.02 -12.53
CA LEU A 65 -16.76 -5.59 -12.59
C LEU A 65 -16.38 -5.07 -13.99
N GLU A 66 -17.40 -4.88 -14.84
CA GLU A 66 -17.18 -4.33 -16.16
C GLU A 66 -17.76 -2.94 -16.35
N GLY A 67 -18.82 -2.61 -15.61
CA GLY A 67 -19.37 -1.26 -15.59
C GLY A 67 -18.67 -0.40 -14.55
N LYS A 68 -19.42 0.55 -13.97
CA LYS A 68 -18.87 1.51 -13.02
C LYS A 68 -19.68 1.48 -11.74
N ILE A 69 -19.00 1.42 -10.60
CA ILE A 69 -19.63 1.58 -9.29
C ILE A 69 -19.19 2.94 -8.77
N ILE A 70 -20.15 3.77 -8.34
CA ILE A 70 -19.84 5.09 -7.81
C ILE A 70 -20.36 5.22 -6.38
N ALA A 71 -19.62 5.97 -5.57
CA ALA A 71 -20.00 6.15 -4.18
C ALA A 71 -20.99 7.30 -4.02
N PRO A 72 -21.79 7.27 -2.96
CA PRO A 72 -22.65 8.43 -2.69
C PRO A 72 -21.83 9.64 -2.24
N THR A 73 -22.46 10.80 -2.35
CA THR A 73 -21.73 12.04 -2.09
C THR A 73 -22.37 12.89 -1.00
N SER A 74 -23.14 12.27 -0.13
CA SER A 74 -23.62 12.99 1.04
C SER A 74 -23.58 12.07 2.24
N ALA A 75 -23.41 12.69 3.41
CA ALA A 75 -23.35 11.92 4.65
C ALA A 75 -24.59 11.08 4.84
N SER A 76 -25.75 11.63 4.51
CA SER A 76 -27.00 10.90 4.65
C SER A 76 -26.98 9.65 3.78
N ALA A 77 -26.58 9.81 2.52
CA ALA A 77 -26.62 8.71 1.57
C ALA A 77 -25.56 7.67 1.88
N TRP A 78 -24.44 8.08 2.50
CA TRP A 78 -23.45 7.12 2.99
C TRP A 78 -24.06 6.25 4.07
N GLY A 79 -24.37 6.85 5.19
CA GLY A 79 -24.99 6.14 6.28
C GLY A 79 -24.09 6.06 7.49
N SER A 80 -24.34 5.03 8.29
CA SER A 80 -23.80 5.00 9.64
C SER A 80 -22.31 4.69 9.65
N GLY A 81 -21.60 5.39 10.52
CA GLY A 81 -20.23 5.06 10.83
C GLY A 81 -19.22 5.77 9.97
N LEU A 82 -19.45 5.81 8.66
CA LEU A 82 -18.44 6.26 7.71
C LEU A 82 -17.16 5.43 7.87
N LEU A 83 -17.32 4.15 8.18
CA LEU A 83 -16.18 3.32 8.52
C LEU A 83 -15.70 2.43 7.39
N GLN A 84 -16.42 2.36 6.27
CA GLN A 84 -16.05 1.49 5.16
C GLN A 84 -16.79 1.92 3.91
N TRP A 85 -16.28 1.51 2.73
CA TRP A 85 -17.10 1.54 1.52
C TRP A 85 -17.40 0.10 1.11
N ILE A 86 -16.68 -0.47 0.15
CA ILE A 86 -16.93 -1.85 -0.28
C ILE A 86 -15.98 -2.80 0.42
N GLU A 87 -16.52 -3.86 1.05
CA GLU A 87 -15.70 -4.85 1.73
C GLU A 87 -16.08 -6.24 1.26
N PHE A 88 -15.07 -7.11 1.12
CA PHE A 88 -15.26 -8.55 0.96
C PHE A 88 -14.59 -9.21 2.17
N LYS A 89 -15.32 -10.09 2.88
CA LYS A 89 -14.81 -10.64 4.14
C LYS A 89 -15.01 -12.14 4.20
N ALA A 90 -14.00 -12.85 4.72
CA ALA A 90 -14.10 -14.25 5.11
C ALA A 90 -14.41 -15.17 3.93
N LEU A 91 -13.78 -14.91 2.80
CA LEU A 91 -13.97 -15.64 1.54
C LEU A 91 -12.77 -16.50 1.19
N GLN A 92 -13.02 -17.51 0.36
CA GLN A 92 -11.98 -18.41 -0.08
C GLN A 92 -11.99 -18.36 -1.60
N GLY A 93 -10.86 -17.98 -2.20
CA GLY A 93 -10.76 -17.99 -3.65
C GLY A 93 -11.64 -16.97 -4.34
N ILE A 94 -11.78 -15.78 -3.77
CA ILE A 94 -12.61 -14.74 -4.35
C ILE A 94 -11.80 -13.98 -5.39
N THR A 95 -12.44 -13.64 -6.50
CA THR A 95 -11.81 -12.88 -7.58
C THR A 95 -12.68 -11.69 -7.90
N ILE A 96 -12.08 -10.50 -7.94
CA ILE A 96 -12.69 -9.31 -8.55
C ILE A 96 -11.91 -9.03 -9.82
N LYS A 97 -12.57 -9.05 -10.97
CA LYS A 97 -11.87 -8.88 -12.24
C LYS A 97 -12.78 -8.21 -13.25
N GLY A 98 -12.18 -7.74 -14.32
CA GLY A 98 -12.87 -6.97 -15.33
C GLY A 98 -12.16 -5.66 -15.60
N LYS A 99 -12.66 -4.95 -16.61
CA LYS A 99 -12.08 -3.67 -16.98
C LYS A 99 -12.92 -2.48 -16.50
N GLY A 100 -13.83 -2.71 -15.57
CA GLY A 100 -14.66 -1.67 -15.01
C GLY A 100 -13.95 -0.82 -13.96
N ILE A 101 -14.75 0.04 -13.32
CA ILE A 101 -14.24 1.17 -12.52
C ILE A 101 -15.00 1.23 -11.20
N ILE A 102 -14.25 1.46 -10.13
CA ILE A 102 -14.81 1.88 -8.83
C ILE A 102 -14.39 3.34 -8.67
N ASP A 103 -15.36 4.25 -8.56
CA ASP A 103 -15.09 5.69 -8.43
C ASP A 103 -15.66 6.14 -7.10
N GLY A 104 -14.78 6.45 -6.14
CA GLY A 104 -15.17 6.88 -4.81
C GLY A 104 -15.67 8.32 -4.74
N ARG A 105 -15.60 9.07 -5.84
CA ARG A 105 -16.00 10.48 -5.87
C ARG A 105 -15.39 11.23 -4.70
N GLY A 106 -14.12 10.94 -4.44
CA GLY A 106 -13.47 11.32 -3.20
C GLY A 106 -13.32 12.79 -2.98
N SER A 107 -13.45 13.60 -4.03
CA SER A 107 -13.30 15.04 -3.82
C SER A 107 -14.31 15.58 -2.83
N VAL A 108 -15.48 14.93 -2.69
CA VAL A 108 -16.45 15.40 -1.70
C VAL A 108 -15.89 15.28 -0.30
N TRP A 109 -15.03 14.29 -0.08
CA TRP A 109 -14.32 14.19 1.18
C TRP A 109 -13.11 15.11 1.21
N TRP A 110 -12.32 15.15 0.13
CA TRP A 110 -11.09 15.92 0.20
C TRP A 110 -11.40 17.40 0.43
N ASN A 111 -12.54 17.85 -0.11
CA ASN A 111 -12.96 19.22 -0.04
C ASN A 111 -13.88 19.51 1.14
N ASP A 112 -14.11 18.53 2.02
CA ASP A 112 -14.91 18.76 3.23
C ASP A 112 -16.33 19.21 2.87
N MET A 113 -16.91 18.54 1.87
CA MET A 113 -18.25 18.85 1.36
C MET A 113 -19.27 17.74 1.66
N MET A 114 -19.04 16.97 2.72
CA MET A 114 -19.87 15.80 2.98
C MET A 114 -21.09 16.10 3.84
N GLY A 115 -21.23 17.31 4.37
CA GLY A 115 -22.37 17.63 5.21
C GLY A 115 -22.26 17.15 6.64
N THR A 116 -21.06 16.74 7.05
CA THR A 116 -20.80 16.23 8.39
C THR A 116 -19.34 16.47 8.68
N LYS A 117 -19.02 16.54 9.97
CA LYS A 117 -17.63 16.51 10.43
C LYS A 117 -17.04 15.15 10.08
N MET A 118 -15.99 15.15 9.29
CA MET A 118 -15.45 13.92 8.76
C MET A 118 -14.52 13.22 9.76
N PRO A 119 -14.40 11.90 9.68
CA PRO A 119 -13.40 11.18 10.47
C PRO A 119 -11.98 11.50 9.97
N ARG A 120 -11.01 11.36 10.87
CA ARG A 120 -9.63 11.55 10.46
C ARG A 120 -9.25 10.60 9.34
N THR A 121 -9.62 9.33 9.48
CA THR A 121 -9.40 8.35 8.43
C THR A 121 -10.70 8.14 7.69
N LYS A 122 -10.69 8.41 6.40
CA LYS A 122 -11.89 8.27 5.60
C LYS A 122 -11.98 6.85 5.07
N PRO A 123 -13.14 6.46 4.52
CA PRO A 123 -13.32 5.08 4.09
C PRO A 123 -12.33 4.67 3.01
N THR A 124 -11.79 3.46 3.17
CA THR A 124 -11.10 2.80 2.06
C THR A 124 -12.12 2.41 1.00
N ALA A 125 -11.72 2.51 -0.27
CA ALA A 125 -12.69 2.23 -1.33
C ALA A 125 -13.02 0.73 -1.39
N LEU A 126 -12.01 -0.13 -1.43
CA LEU A 126 -12.21 -1.58 -1.57
C LEU A 126 -11.28 -2.27 -0.58
N ARG A 127 -11.87 -3.02 0.35
CA ARG A 127 -11.08 -3.69 1.36
C ARG A 127 -11.43 -5.17 1.38
N PHE A 128 -10.40 -6.01 1.46
CA PHE A 128 -10.54 -7.45 1.68
C PHE A 128 -10.08 -7.77 3.08
N TYR A 129 -10.92 -8.50 3.82
CA TYR A 129 -10.56 -8.93 5.17
C TYR A 129 -10.70 -10.44 5.31
N GLY A 130 -9.69 -11.06 5.94
CA GLY A 130 -9.87 -12.41 6.45
C GLY A 130 -10.10 -13.45 5.38
N SER A 131 -9.51 -13.27 4.20
CA SER A 131 -9.78 -14.12 3.05
C SER A 131 -8.51 -14.82 2.59
N ASN A 132 -8.70 -16.02 2.05
CA ASN A 132 -7.63 -16.93 1.61
C ASN A 132 -7.80 -17.14 0.12
N GLY A 133 -6.85 -16.63 -0.67
CA GLY A 133 -6.98 -16.67 -2.10
C GLY A 133 -7.82 -15.49 -2.54
N VAL A 134 -7.15 -14.39 -2.87
CA VAL A 134 -7.83 -13.17 -3.29
C VAL A 134 -7.16 -12.72 -4.57
N THR A 135 -7.95 -12.50 -5.61
CA THR A 135 -7.41 -12.01 -6.87
C THR A 135 -8.13 -10.73 -7.21
N VAL A 136 -7.37 -9.69 -7.55
CA VAL A 136 -7.92 -8.44 -8.05
C VAL A 136 -7.22 -8.17 -9.36
N SER A 137 -7.97 -8.14 -10.45
CA SER A 137 -7.33 -7.95 -11.73
C SER A 137 -8.16 -7.03 -12.58
N GLY A 138 -7.48 -6.24 -13.42
CA GLY A 138 -8.17 -5.52 -14.47
C GLY A 138 -8.77 -4.18 -14.11
N ILE A 139 -9.31 -4.07 -12.90
CA ILE A 139 -10.15 -2.93 -12.57
C ILE A 139 -9.33 -1.65 -12.35
N THR A 140 -10.03 -0.51 -12.28
CA THR A 140 -9.46 0.78 -11.93
C THR A 140 -10.22 1.30 -10.73
N ILE A 141 -9.51 1.78 -9.72
CA ILE A 141 -10.13 2.47 -8.59
C ILE A 141 -9.67 3.92 -8.68
N GLN A 142 -10.63 4.84 -8.78
CA GLN A 142 -10.31 6.24 -8.95
C GLN A 142 -11.02 7.07 -7.89
N ASN A 143 -10.36 8.17 -7.51
CA ASN A 143 -10.92 9.16 -6.57
C ASN A 143 -11.42 8.52 -5.28
N SER A 144 -10.52 7.81 -4.61
CA SER A 144 -10.91 7.18 -3.36
C SER A 144 -11.02 8.23 -2.24
N PRO A 145 -11.95 8.05 -1.27
CA PRO A 145 -11.97 8.98 -0.14
C PRO A 145 -10.62 9.02 0.56
N GLN A 146 -9.99 7.86 0.72
CA GLN A 146 -8.65 7.75 1.27
C GLN A 146 -7.91 6.60 0.57
N THR A 147 -7.73 5.47 1.22
CA THR A 147 -6.98 4.37 0.60
C THR A 147 -7.79 3.74 -0.53
N HIS A 148 -7.11 3.37 -1.61
CA HIS A 148 -7.85 2.77 -2.72
C HIS A 148 -8.20 1.31 -2.44
N LEU A 149 -7.18 0.49 -2.13
CA LEU A 149 -7.35 -0.95 -2.01
C LEU A 149 -6.58 -1.41 -0.78
N LYS A 150 -7.24 -2.16 0.09
CA LYS A 150 -6.62 -2.65 1.32
C LYS A 150 -6.79 -4.15 1.44
N PHE A 151 -5.73 -4.83 1.90
CA PHE A 151 -5.77 -6.24 2.29
C PHE A 151 -5.42 -6.32 3.76
N ASP A 152 -6.29 -6.95 4.54
CA ASP A 152 -6.09 -7.07 5.98
C ASP A 152 -6.39 -8.53 6.35
N ASN A 153 -5.43 -9.21 6.97
CA ASN A 153 -5.63 -10.61 7.35
C ASN A 153 -5.99 -11.48 6.17
N CYS A 154 -5.28 -11.27 5.06
CA CYS A 154 -5.49 -12.07 3.87
C CYS A 154 -4.23 -12.83 3.54
N ILE A 155 -4.39 -13.97 2.87
CA ILE A 155 -3.28 -14.81 2.44
C ILE A 155 -3.52 -15.24 1.00
N SER A 156 -2.45 -15.28 0.22
CA SER A 156 -2.48 -15.74 -1.17
C SER A 156 -3.21 -14.74 -2.04
N ILE A 157 -2.57 -13.62 -2.33
CA ILE A 157 -3.15 -12.46 -2.97
C ILE A 157 -2.44 -12.26 -4.30
N GLN A 158 -3.22 -11.99 -5.34
CA GLN A 158 -2.67 -11.61 -6.65
C GLN A 158 -3.40 -10.38 -7.13
N VAL A 159 -2.65 -9.33 -7.42
CA VAL A 159 -3.17 -8.08 -8.00
C VAL A 159 -2.45 -7.87 -9.32
N SER A 160 -3.21 -7.72 -10.42
CA SER A 160 -2.59 -7.57 -11.73
C SER A 160 -3.44 -6.70 -12.64
N ASP A 161 -2.77 -6.05 -13.62
CA ASP A 161 -3.49 -5.27 -14.61
C ASP A 161 -4.42 -4.27 -13.92
N PHE A 162 -3.91 -3.66 -12.86
CA PHE A 162 -4.73 -2.91 -11.92
C PHE A 162 -4.26 -1.46 -11.91
N THR A 163 -5.20 -0.53 -11.72
CA THR A 163 -4.89 0.89 -11.81
C THR A 163 -5.54 1.63 -10.66
N THR A 164 -4.80 2.56 -10.05
CA THR A 164 -5.40 3.57 -9.20
C THR A 164 -5.20 4.92 -9.84
N SER A 165 -6.18 5.82 -9.63
CA SER A 165 -6.06 7.17 -10.17
C SER A 165 -6.73 8.15 -9.21
N SER A 166 -5.94 8.79 -8.38
CA SER A 166 -6.41 9.94 -7.63
C SER A 166 -5.36 11.04 -7.80
N PRO A 167 -5.75 12.31 -7.65
CA PRO A 167 -4.79 13.39 -7.89
C PRO A 167 -3.58 13.34 -6.97
N GLY A 168 -2.45 13.81 -7.50
CA GLY A 168 -1.21 13.80 -6.73
C GLY A 168 -1.27 14.64 -5.47
N ASP A 169 -2.15 15.65 -5.44
CA ASP A 169 -2.36 16.50 -4.28
C ASP A 169 -3.63 16.14 -3.51
N SER A 170 -4.25 15.00 -3.81
CA SER A 170 -5.35 14.59 -2.94
C SER A 170 -4.80 14.02 -1.63
N PRO A 171 -5.46 14.30 -0.51
CA PRO A 171 -4.89 13.98 0.80
C PRO A 171 -5.01 12.49 1.14
N ASN A 172 -3.88 11.86 1.46
CA ASN A 172 -3.84 10.54 2.09
C ASN A 172 -4.38 9.43 1.21
N THR A 173 -4.39 9.63 -0.12
CA THR A 173 -4.99 8.65 -1.03
C THR A 173 -3.95 7.61 -1.46
N ASP A 174 -3.50 6.81 -0.51
CA ASP A 174 -2.54 5.76 -0.82
C ASP A 174 -3.19 4.70 -1.71
N GLY A 175 -2.35 4.05 -2.52
CA GLY A 175 -2.84 3.09 -3.51
C GLY A 175 -3.25 1.75 -2.93
N ILE A 176 -2.28 0.89 -2.65
CA ILE A 176 -2.52 -0.45 -2.11
C ILE A 176 -1.89 -0.52 -0.73
N HIS A 177 -2.68 -0.91 0.26
CA HIS A 177 -2.21 -0.99 1.64
C HIS A 177 -2.37 -2.44 2.08
N LEU A 178 -1.31 -3.03 2.62
CA LEU A 178 -1.34 -4.41 3.09
C LEU A 178 -1.00 -4.44 4.56
N GLN A 179 -1.78 -5.20 5.34
CA GLN A 179 -1.58 -5.30 6.78
C GLN A 179 -1.95 -6.70 7.21
N ASN A 180 -1.08 -7.31 8.02
CA ASN A 180 -1.33 -8.67 8.51
C ASN A 180 -1.70 -9.62 7.39
N SER A 181 -1.01 -9.51 6.27
CA SER A 181 -1.27 -10.31 5.09
C SER A 181 0.03 -10.90 4.56
N GLN A 182 -0.09 -12.05 3.90
CA GLN A 182 1.08 -12.81 3.48
C GLN A 182 0.84 -13.42 2.10
N ASP A 183 1.94 -13.67 1.41
CA ASP A 183 1.97 -14.41 0.16
C ASP A 183 1.17 -13.67 -0.92
N ALA A 184 1.73 -12.53 -1.32
CA ALA A 184 1.06 -11.60 -2.22
C ALA A 184 1.99 -11.28 -3.36
N VAL A 185 1.42 -11.18 -4.56
CA VAL A 185 2.14 -10.65 -5.72
C VAL A 185 1.29 -9.56 -6.34
N ILE A 186 1.91 -8.41 -6.58
CA ILE A 186 1.29 -7.21 -7.16
C ILE A 186 2.11 -6.89 -8.39
N TYR A 187 1.50 -6.92 -9.57
CA TYR A 187 2.27 -6.79 -10.79
C TYR A 187 1.46 -6.19 -11.93
N ARG A 188 2.18 -5.71 -12.95
CA ARG A 188 1.56 -5.14 -14.14
C ARG A 188 0.48 -4.14 -13.74
N SER A 189 0.86 -3.21 -12.87
CA SER A 189 -0.08 -2.25 -12.30
C SER A 189 0.47 -0.82 -12.39
N THR A 190 -0.47 0.13 -12.37
CA THR A 190 -0.21 1.56 -12.56
C THR A 190 -0.91 2.32 -11.43
N LEU A 191 -0.12 3.00 -10.61
CA LEU A 191 -0.61 3.57 -9.36
C LEU A 191 -0.35 5.07 -9.37
N ALA A 192 -1.40 5.84 -9.56
CA ALA A 192 -1.34 7.30 -9.44
C ALA A 192 -2.10 7.68 -8.18
N CYS A 193 -1.41 8.30 -7.22
CA CYS A 193 -1.88 8.35 -5.83
C CYS A 193 -1.51 9.73 -5.26
N GLY A 194 -2.18 10.10 -4.17
CA GLY A 194 -1.81 11.26 -3.38
C GLY A 194 -0.99 10.94 -2.15
N ASP A 195 -0.61 9.69 -1.96
CA ASP A 195 0.16 9.23 -0.82
C ASP A 195 1.01 8.06 -1.31
N ASP A 196 1.42 7.16 -0.40
CA ASP A 196 2.19 5.99 -0.82
C ASP A 196 1.44 5.24 -1.93
N CYS A 197 2.17 4.86 -2.99
CA CYS A 197 1.57 4.00 -4.02
C CYS A 197 1.25 2.63 -3.46
N ILE A 198 2.20 2.04 -2.73
CA ILE A 198 1.99 0.81 -1.97
C ILE A 198 2.58 1.02 -0.60
N SER A 199 1.86 0.61 0.43
CA SER A 199 2.44 0.62 1.76
C SER A 199 2.18 -0.70 2.45
N ILE A 200 3.24 -1.18 3.07
CA ILE A 200 3.26 -2.49 3.69
C ILE A 200 3.40 -2.29 5.19
N GLN A 201 2.43 -2.78 5.94
CA GLN A 201 2.36 -2.57 7.38
C GLN A 201 2.74 -3.84 8.12
N THR A 202 2.64 -3.76 9.44
CA THR A 202 3.00 -4.90 10.26
C THR A 202 2.22 -6.16 9.89
N GLY A 203 2.85 -7.29 10.12
CA GLY A 203 2.22 -8.57 9.90
C GLY A 203 2.34 -9.09 8.49
N CYS A 204 3.09 -8.42 7.63
CA CYS A 204 3.22 -8.81 6.24
C CYS A 204 4.51 -9.57 5.98
N SER A 205 4.41 -10.63 5.20
CA SER A 205 5.60 -11.36 4.78
C SER A 205 5.34 -11.95 3.41
N ASN A 206 6.43 -12.17 2.65
CA ASN A 206 6.35 -12.72 1.30
C ASN A 206 5.44 -11.87 0.41
N ILE A 207 5.81 -10.60 0.28
CA ILE A 207 5.13 -9.66 -0.59
C ILE A 207 6.07 -9.36 -1.74
N ASN A 208 5.58 -9.52 -2.97
CA ASN A 208 6.37 -9.39 -4.19
C ASN A 208 5.67 -8.41 -5.09
N ILE A 209 6.36 -7.34 -5.45
CA ILE A 209 5.83 -6.27 -6.30
C ILE A 209 6.76 -6.18 -7.51
N HIS A 210 6.21 -6.30 -8.71
CA HIS A 210 7.04 -6.19 -9.90
C HIS A 210 6.26 -5.66 -11.09
N ASP A 211 6.97 -4.98 -12.00
CA ASP A 211 6.32 -4.40 -13.18
C ASP A 211 5.20 -3.44 -12.79
N VAL A 212 5.57 -2.44 -11.98
CA VAL A 212 4.63 -1.45 -11.49
C VAL A 212 5.18 -0.07 -11.78
N ASP A 213 4.30 0.83 -12.21
CA ASP A 213 4.63 2.25 -12.36
C ASP A 213 3.89 3.05 -11.32
N CYS A 214 4.62 3.87 -10.56
CA CYS A 214 4.08 4.64 -9.46
C CYS A 214 4.31 6.12 -9.75
N GLY A 215 3.30 6.94 -9.55
CA GLY A 215 3.46 8.35 -9.84
C GLY A 215 2.20 8.94 -10.43
N PRO A 216 1.71 10.05 -9.87
CA PRO A 216 2.19 10.72 -8.66
C PRO A 216 2.04 9.84 -7.44
N GLY A 217 2.58 10.26 -6.34
CA GLY A 217 2.46 9.55 -5.09
C GLY A 217 3.72 9.70 -4.27
N HIS A 218 3.80 8.88 -3.22
CA HIS A 218 4.92 8.98 -2.29
C HIS A 218 5.90 7.83 -2.39
N GLY A 219 5.73 6.94 -3.37
CA GLY A 219 6.65 5.84 -3.56
C GLY A 219 6.09 4.53 -3.02
N ILE A 220 6.99 3.58 -2.78
CA ILE A 220 6.65 2.29 -2.17
C ILE A 220 7.29 2.28 -0.79
N SER A 221 6.48 2.07 0.25
CA SER A 221 6.97 2.19 1.62
C SER A 221 6.62 0.95 2.44
N ILE A 222 7.53 0.58 3.33
CA ILE A 222 7.23 -0.27 4.47
C ILE A 222 7.04 0.67 5.65
N GLY A 223 5.87 0.63 6.29
CA GLY A 223 5.61 1.49 7.43
C GLY A 223 4.62 2.61 7.13
N GLY A 224 4.45 3.51 8.09
CA GLY A 224 5.20 3.65 9.33
C GLY A 224 4.96 2.53 10.33
N LEU A 225 6.05 1.93 10.81
CA LEU A 225 5.95 0.78 11.70
C LEU A 225 6.14 1.16 13.16
N GLY A 226 5.34 0.54 14.03
CA GLY A 226 5.60 0.64 15.46
C GLY A 226 5.02 1.85 16.15
N LYS A 227 4.03 2.52 15.56
CA LYS A 227 3.47 3.71 16.17
C LYS A 227 2.82 3.36 17.50
N ASP A 228 2.84 4.33 18.42
CA ASP A 228 2.24 4.18 19.76
C ASP A 228 2.88 3.03 20.54
N ASN A 229 4.21 2.91 20.40
CA ASN A 229 5.00 1.93 21.12
C ASN A 229 4.54 0.49 20.89
N THR A 230 4.21 0.18 19.64
CA THR A 230 3.71 -1.14 19.27
C THR A 230 4.80 -1.95 18.57
N LYS A 231 4.59 -3.27 18.55
CA LYS A 231 5.45 -4.20 17.85
C LYS A 231 5.04 -4.31 16.39
N ALA A 232 6.04 -4.27 15.51
CA ALA A 232 5.84 -4.42 14.08
C ALA A 232 6.72 -5.55 13.58
N CYS A 233 6.17 -6.36 12.66
CA CYS A 233 6.89 -7.49 12.09
C CYS A 233 6.67 -7.53 10.58
N VAL A 234 7.73 -7.32 9.81
CA VAL A 234 7.67 -7.40 8.35
C VAL A 234 8.89 -8.17 7.87
N SER A 235 8.70 -9.07 6.90
CA SER A 235 9.85 -9.80 6.37
C SER A 235 9.60 -10.25 4.94
N ASN A 236 10.69 -10.53 4.23
CA ASN A 236 10.62 -11.11 2.89
C ASN A 236 9.76 -10.27 1.93
N ILE A 237 10.24 -9.07 1.66
CA ILE A 237 9.59 -8.13 0.76
C ILE A 237 10.50 -7.97 -0.45
N THR A 238 9.94 -8.08 -1.66
CA THR A 238 10.72 -7.90 -2.88
C THR A 238 10.00 -6.91 -3.77
N VAL A 239 10.73 -5.93 -4.27
CA VAL A 239 10.26 -4.97 -5.25
C VAL A 239 11.25 -5.04 -6.41
N ARG A 240 10.74 -5.27 -7.62
CA ARG A 240 11.62 -5.45 -8.77
C ARG A 240 10.96 -4.87 -10.00
N ASP A 241 11.73 -4.14 -10.81
CA ASP A 241 11.23 -3.65 -12.09
C ASP A 241 10.06 -2.69 -11.90
N VAL A 242 10.34 -1.61 -11.19
CA VAL A 242 9.35 -0.61 -10.87
C VAL A 242 9.91 0.75 -11.25
N THR A 243 9.02 1.66 -11.61
CA THR A 243 9.43 3.03 -11.85
C THR A 243 8.65 3.95 -10.91
N MET A 244 9.31 5.01 -10.46
CA MET A 244 8.68 6.07 -9.68
C MET A 244 8.90 7.38 -10.41
N HIS A 245 7.81 8.06 -10.76
CA HIS A 245 7.89 9.28 -11.55
C HIS A 245 7.38 10.46 -10.72
N GLU A 246 8.28 11.37 -10.39
CA GLU A 246 7.95 12.59 -9.65
C GLU A 246 7.23 12.30 -8.33
N THR A 247 7.63 11.21 -7.68
CA THR A 247 7.12 10.87 -6.35
C THR A 247 8.02 11.49 -5.29
N THR A 248 7.50 11.61 -4.06
CA THR A 248 8.32 12.18 -2.98
C THR A 248 9.40 11.21 -2.50
N ASN A 249 9.16 9.91 -2.58
CA ASN A 249 10.18 8.93 -2.26
C ASN A 249 10.21 7.87 -3.34
N GLY A 250 11.30 7.13 -3.37
CA GLY A 250 11.39 5.95 -4.20
C GLY A 250 10.99 4.72 -3.41
N VAL A 251 11.97 4.13 -2.71
CA VAL A 251 11.73 3.00 -1.82
C VAL A 251 12.07 3.44 -0.40
N ARG A 252 11.08 3.31 0.50
CA ARG A 252 11.16 3.86 1.83
C ARG A 252 10.83 2.82 2.89
N ILE A 253 11.57 2.85 3.98
CA ILE A 253 11.20 2.16 5.21
C ILE A 253 11.07 3.23 6.28
N LYS A 254 9.93 3.26 6.96
CA LYS A 254 9.68 4.28 7.97
C LYS A 254 9.25 3.59 9.26
N SER A 255 9.86 3.98 10.38
CA SER A 255 9.45 3.42 11.67
C SER A 255 9.45 4.52 12.73
N TRP A 256 8.65 4.28 13.77
CA TRP A 256 8.45 5.24 14.84
C TRP A 256 9.36 4.91 16.01
N GLN A 257 9.91 5.96 16.60
CA GLN A 257 10.64 5.81 17.87
C GLN A 257 9.72 5.14 18.90
N GLY A 258 10.25 4.15 19.62
CA GLY A 258 9.45 3.43 20.62
C GLY A 258 8.79 2.17 20.11
N GLY A 259 8.73 1.97 18.80
CA GLY A 259 8.26 0.69 18.28
C GLY A 259 9.22 -0.42 18.64
N SER A 260 8.78 -1.66 18.45
CA SER A 260 9.61 -2.83 18.66
C SER A 260 9.36 -3.79 17.50
N GLY A 261 10.01 -4.95 17.54
CA GLY A 261 9.88 -5.91 16.45
C GLY A 261 10.98 -5.75 15.41
N SER A 262 10.68 -6.08 14.14
CA SER A 262 11.73 -6.07 13.14
C SER A 262 11.15 -5.97 11.74
N VAL A 263 11.95 -5.40 10.84
CA VAL A 263 11.75 -5.47 9.41
C VAL A 263 13.05 -6.01 8.81
N LYS A 264 12.97 -7.15 8.14
CA LYS A 264 14.19 -7.80 7.67
C LYS A 264 13.96 -8.55 6.36
N GLN A 265 15.03 -8.72 5.61
CA GLN A 265 15.01 -9.43 4.33
C GLN A 265 14.11 -8.72 3.31
N VAL A 266 14.62 -7.58 2.87
CA VAL A 266 13.94 -6.73 1.92
C VAL A 266 14.87 -6.55 0.74
N MET A 267 14.32 -6.64 -0.47
CA MET A 267 15.06 -6.47 -1.71
C MET A 267 14.35 -5.41 -2.54
N PHE A 268 15.06 -4.33 -2.83
CA PHE A 268 14.60 -3.29 -3.74
C PHE A 268 15.53 -3.32 -4.96
N SER A 269 15.03 -3.79 -6.09
CA SER A 269 15.89 -4.02 -7.23
C SER A 269 15.27 -3.52 -8.53
N ASN A 270 16.12 -3.09 -9.45
CA ASN A 270 15.67 -2.70 -10.79
C ASN A 270 14.61 -1.59 -10.69
N ILE A 271 15.01 -0.50 -10.04
CA ILE A 271 14.12 0.63 -9.76
C ILE A 271 14.63 1.82 -10.56
N GLN A 272 13.73 2.46 -11.30
CA GLN A 272 14.04 3.70 -12.01
C GLN A 272 13.29 4.84 -11.36
N VAL A 273 14.02 5.89 -10.96
CA VAL A 273 13.40 7.07 -10.35
C VAL A 273 13.59 8.26 -11.28
N SER A 274 12.53 9.04 -11.46
CA SER A 274 12.62 10.26 -12.29
C SER A 274 12.15 11.45 -11.47
N ASN A 275 13.07 12.38 -11.17
CA ASN A 275 12.72 13.60 -10.45
C ASN A 275 12.07 13.28 -9.11
N VAL A 276 12.61 12.30 -8.39
CA VAL A 276 12.08 11.86 -7.10
C VAL A 276 12.85 12.56 -5.99
N ALA A 277 12.16 13.04 -4.94
CA ALA A 277 12.86 13.79 -3.90
C ALA A 277 13.87 12.91 -3.15
N ASN A 278 13.40 11.80 -2.59
CA ASN A 278 14.20 10.93 -1.74
C ASN A 278 14.16 9.51 -2.31
N PRO A 279 15.05 9.17 -3.24
CA PRO A 279 14.99 7.83 -3.86
C PRO A 279 15.12 6.68 -2.88
N ILE A 280 16.04 6.75 -1.93
CA ILE A 280 16.33 5.63 -1.04
C ILE A 280 16.30 6.17 0.38
N ILE A 281 15.43 5.62 1.24
CA ILE A 281 15.33 6.21 2.57
C ILE A 281 14.92 5.15 3.59
N ILE A 282 15.67 5.09 4.69
CA ILE A 282 15.24 4.41 5.92
C ILE A 282 15.16 5.50 6.96
N ASP A 283 14.00 5.63 7.61
CA ASP A 283 13.79 6.73 8.55
C ASP A 283 13.19 6.15 9.83
N GLN A 284 14.01 6.00 10.86
CA GLN A 284 13.55 5.55 12.17
C GLN A 284 13.23 6.70 13.10
N TYR A 285 13.03 7.90 12.54
CA TYR A 285 12.55 9.07 13.25
C TYR A 285 11.25 9.56 12.67
N TYR A 286 10.54 8.67 11.99
CA TYR A 286 9.30 9.06 11.34
C TYR A 286 8.24 9.41 12.37
N CYS A 287 7.52 10.51 12.11
CA CYS A 287 6.55 10.97 13.09
C CYS A 287 5.47 11.85 12.48
N ASP A 288 5.19 11.68 11.19
CA ASP A 288 4.17 12.49 10.56
C ASP A 288 2.84 12.26 11.27
N GLY A 289 2.20 13.35 11.70
CA GLY A 289 0.92 13.25 12.38
C GLY A 289 0.99 12.90 13.84
N GLY A 290 2.17 12.92 14.44
CA GLY A 290 2.32 12.54 15.83
C GLY A 290 3.43 13.29 16.53
N GLY A 291 3.83 12.82 17.71
CA GLY A 291 4.97 13.43 18.39
C GLY A 291 6.29 12.96 17.80
N CYS A 292 7.28 13.85 17.84
CA CYS A 292 8.58 13.58 17.22
C CYS A 292 9.68 13.56 18.27
N HIS A 293 9.52 12.74 19.29
CA HIS A 293 10.53 12.54 20.32
C HIS A 293 11.16 11.15 20.14
N ASN A 294 12.27 10.95 20.83
CA ASN A 294 13.00 9.70 20.78
C ASN A 294 12.65 8.79 21.96
N GLU A 295 12.83 7.48 21.76
CA GLU A 295 12.59 6.51 22.82
C GLU A 295 13.66 5.44 22.72
N THR A 296 13.74 4.59 23.75
CA THR A 296 14.83 3.62 23.82
C THR A 296 14.56 2.35 23.03
N SER A 297 13.35 2.14 22.54
CA SER A 297 13.06 0.98 21.72
C SER A 297 12.96 1.41 20.25
N ALA A 298 13.28 0.47 19.37
CA ALA A 298 13.10 0.69 17.95
C ALA A 298 12.70 -0.61 17.30
N VAL A 299 12.03 -0.48 16.14
CA VAL A 299 11.90 -1.62 15.24
C VAL A 299 13.28 -1.91 14.66
N ALA A 300 13.73 -3.16 14.75
CA ALA A 300 15.07 -3.52 14.26
C ALA A 300 15.07 -3.69 12.75
N VAL A 301 15.85 -2.88 12.03
CA VAL A 301 15.95 -2.95 10.58
C VAL A 301 17.21 -3.74 10.21
N SER A 302 17.06 -4.80 9.42
CA SER A 302 18.25 -5.55 9.03
C SER A 302 18.05 -6.23 7.68
N ASN A 303 19.17 -6.46 7.00
CA ASN A 303 19.17 -7.22 5.74
C ASN A 303 18.26 -6.56 4.69
N ILE A 304 18.62 -5.32 4.35
CA ILE A 304 17.92 -4.52 3.35
C ILE A 304 18.86 -4.35 2.17
N ASN A 305 18.42 -4.74 0.98
CA ASN A 305 19.29 -4.81 -0.18
C ASN A 305 18.76 -3.91 -1.28
N TYR A 306 19.65 -3.13 -1.90
CA TYR A 306 19.33 -2.20 -2.96
C TYR A 306 20.22 -2.56 -4.13
N ILE A 307 19.61 -2.90 -5.28
CA ILE A 307 20.39 -3.37 -6.43
C ILE A 307 19.80 -2.73 -7.67
N ASN A 308 20.65 -2.05 -8.47
CA ASN A 308 20.26 -1.53 -9.77
C ASN A 308 19.13 -0.50 -9.63
N ILE A 309 19.47 0.59 -8.96
CA ILE A 309 18.57 1.72 -8.77
C ILE A 309 19.20 2.92 -9.43
N LYS A 310 18.47 3.55 -10.34
CA LYS A 310 19.03 4.57 -11.20
C LYS A 310 18.00 5.66 -11.46
N GLY A 311 18.50 6.87 -11.72
CA GLY A 311 17.64 7.97 -12.10
C GLY A 311 18.04 9.28 -11.45
N THR A 312 17.08 10.18 -11.27
CA THR A 312 17.40 11.53 -10.83
C THR A 312 16.65 11.91 -9.57
N TYR A 313 17.26 12.80 -8.81
CA TYR A 313 16.73 13.14 -7.48
C TYR A 313 16.78 14.64 -7.23
N THR A 314 15.91 15.08 -6.29
CA THR A 314 15.87 16.48 -5.90
C THR A 314 16.26 16.79 -4.44
N LYS A 315 16.22 15.82 -3.52
CA LYS A 315 16.70 16.03 -2.15
C LYS A 315 17.87 15.11 -1.82
N GLU A 316 18.05 14.68 -0.57
CA GLU A 316 19.15 13.74 -0.32
C GLU A 316 18.92 12.49 -1.14
N PRO A 317 19.92 12.04 -1.90
CA PRO A 317 19.70 10.86 -2.75
C PRO A 317 19.52 9.60 -1.94
N VAL A 318 20.16 9.54 -0.77
CA VAL A 318 20.19 8.35 0.07
C VAL A 318 20.17 8.85 1.51
N ARG A 319 19.27 8.32 2.32
CA ARG A 319 19.20 8.69 3.71
C ARG A 319 18.94 7.42 4.52
N PHE A 320 19.89 7.03 5.35
CA PHE A 320 19.71 5.92 6.30
C PHE A 320 19.80 6.53 7.69
N ALA A 321 18.65 6.87 8.28
CA ALA A 321 18.57 7.52 9.60
C ALA A 321 18.02 6.49 10.57
N CYS A 322 18.92 5.79 11.26
CA CYS A 322 18.55 4.66 12.10
C CYS A 322 18.62 5.00 13.59
N SER A 323 17.97 4.17 14.40
CA SER A 323 17.86 4.43 15.83
C SER A 323 19.21 4.42 16.54
N ASP A 324 19.42 5.42 17.41
CA ASP A 324 20.64 5.42 18.21
C ASP A 324 20.77 4.17 19.05
N SER A 325 19.65 3.58 19.48
CA SER A 325 19.74 2.45 20.39
C SER A 325 19.59 1.11 19.69
N LEU A 326 19.44 1.11 18.36
CA LEU A 326 19.34 -0.14 17.62
C LEU A 326 19.72 0.19 16.18
N PRO A 327 21.01 0.24 15.88
CA PRO A 327 21.44 0.63 14.53
C PRO A 327 20.91 -0.33 13.49
N CYS A 328 20.73 0.17 12.26
CA CYS A 328 20.37 -0.72 11.16
C CYS A 328 21.59 -1.53 10.80
N THR A 329 21.39 -2.78 10.42
CA THR A 329 22.51 -3.63 10.02
C THR A 329 22.21 -4.36 8.73
N GLY A 330 23.27 -4.84 8.08
CA GLY A 330 23.07 -5.60 6.86
C GLY A 330 22.47 -4.83 5.70
N ILE A 331 22.70 -3.52 5.63
CA ILE A 331 22.31 -2.75 4.44
C ILE A 331 23.32 -3.05 3.35
N SER A 332 22.85 -3.33 2.15
CA SER A 332 23.77 -3.60 1.06
C SER A 332 23.32 -2.82 -0.15
N LEU A 333 24.27 -2.20 -0.86
CA LEU A 333 23.96 -1.48 -2.10
C LEU A 333 24.83 -1.95 -3.24
N SER A 334 24.23 -2.11 -4.41
CA SER A 334 24.95 -2.46 -5.62
C SER A 334 24.32 -1.72 -6.78
N THR A 335 25.16 -1.18 -7.69
CA THR A 335 24.67 -0.66 -8.95
C THR A 335 23.65 0.46 -8.72
N ILE A 336 24.13 1.50 -8.06
CA ILE A 336 23.34 2.69 -7.73
C ILE A 336 23.86 3.83 -8.60
N GLU A 337 23.01 4.37 -9.47
CA GLU A 337 23.41 5.46 -10.38
C GLU A 337 22.35 6.57 -10.28
N LEU A 338 22.49 7.41 -9.26
CA LEU A 338 21.56 8.49 -8.99
C LEU A 338 22.25 9.80 -9.31
N LYS A 339 21.59 10.63 -10.11
CA LYS A 339 22.14 11.91 -10.52
C LYS A 339 21.22 13.06 -10.11
N PRO A 340 21.80 14.17 -9.68
CA PRO A 340 20.98 15.28 -9.21
C PRO A 340 20.23 15.92 -10.36
N ALA A 341 18.96 16.24 -10.10
CA ALA A 341 18.11 16.89 -11.08
C ALA A 341 18.38 18.39 -11.16
N THR A 342 19.09 18.93 -10.17
CA THR A 342 19.34 20.37 -10.09
C THR A 342 20.71 20.62 -9.47
N GLY A 343 21.22 21.84 -9.69
CA GLY A 343 22.45 22.25 -9.01
C GLY A 343 22.32 22.19 -7.50
N LYS A 344 21.16 22.55 -6.97
CA LYS A 344 20.94 22.51 -5.53
C LYS A 344 21.08 21.09 -4.99
N ALA A 345 20.44 20.11 -5.66
CA ALA A 345 20.51 18.71 -5.22
C ALA A 345 21.91 18.16 -5.31
N SER A 346 22.75 18.70 -6.19
CA SER A 346 24.08 18.14 -6.36
C SER A 346 24.97 18.39 -5.14
N SER A 347 24.57 19.29 -4.26
CA SER A 347 25.31 19.55 -3.03
C SER A 347 24.80 18.73 -1.85
N LEU A 348 23.78 17.90 -2.06
CA LEU A 348 23.17 17.12 -0.99
C LEU A 348 23.80 15.72 -0.98
N ASP A 349 24.56 15.44 0.05
CA ASP A 349 25.27 14.17 0.12
C ASP A 349 24.38 13.09 0.72
N PRO A 350 24.71 11.82 0.45
CA PRO A 350 24.14 10.73 1.22
C PRO A 350 24.27 11.01 2.71
N PHE A 351 23.26 10.60 3.47
CA PHE A 351 23.25 10.77 4.93
C PHE A 351 23.11 9.40 5.58
N CYS A 352 24.06 9.04 6.44
CA CYS A 352 23.98 7.80 7.21
C CYS A 352 24.11 8.13 8.68
N TRP A 353 23.20 7.60 9.48
CA TRP A 353 23.22 7.79 10.93
C TRP A 353 22.89 6.44 11.55
N LYS A 354 23.90 5.84 12.20
CA LYS A 354 23.75 4.55 12.87
C LYS A 354 23.37 3.45 11.89
N ALA A 355 24.00 3.46 10.72
CA ALA A 355 23.68 2.55 9.64
C ALA A 355 24.90 1.71 9.30
N HIS A 356 24.75 0.39 9.41
CA HIS A 356 25.81 -0.57 9.10
C HIS A 356 25.48 -1.34 7.82
N GLY A 357 26.50 -1.55 6.98
CA GLY A 357 26.31 -2.36 5.79
C GLY A 357 27.52 -2.27 4.89
N GLU A 358 27.28 -2.52 3.60
CA GLU A 358 28.36 -2.70 2.64
C GLU A 358 27.95 -2.16 1.29
N LEU A 359 28.95 -1.68 0.55
CA LEU A 359 28.81 -1.32 -0.85
C LEU A 359 29.41 -2.47 -1.67
N LYS A 360 28.63 -3.01 -2.59
CA LYS A 360 29.13 -4.06 -3.48
C LYS A 360 29.66 -3.50 -4.77
N THR A 361 29.40 -2.23 -5.06
CA THR A 361 29.95 -1.53 -6.21
C THR A 361 30.27 -0.12 -5.77
N LYS A 362 31.01 0.60 -6.60
CA LYS A 362 31.03 2.05 -6.44
C LYS A 362 29.62 2.55 -6.74
N THR A 363 29.24 3.62 -6.08
CA THR A 363 27.92 4.17 -6.31
C THR A 363 28.03 5.61 -6.75
N LEU A 364 26.98 6.07 -7.44
CA LEU A 364 26.80 7.48 -7.74
C LEU A 364 25.53 7.94 -7.05
N PRO A 365 25.60 8.91 -6.13
CA PRO A 365 26.83 9.51 -5.58
C PRO A 365 27.53 8.49 -4.72
N PRO A 366 28.81 8.70 -4.44
CA PRO A 366 29.51 7.80 -3.50
C PRO A 366 28.83 7.82 -2.15
N ILE A 367 28.68 6.64 -1.56
CA ILE A 367 28.11 6.52 -0.23
C ILE A 367 29.26 6.11 0.67
N GLN A 368 29.77 7.06 1.44
CA GLN A 368 30.96 6.83 2.23
C GLN A 368 30.67 6.61 3.70
N CYS A 369 29.40 6.62 4.09
CA CYS A 369 29.06 6.72 5.50
C CYS A 369 28.50 5.45 6.10
N LEU A 370 28.41 4.34 5.36
CA LEU A 370 27.93 3.10 5.94
C LEU A 370 29.04 2.46 6.74
N LYS A 371 28.69 1.94 7.91
CA LYS A 371 29.69 1.35 8.80
C LYS A 371 29.85 -0.12 8.49
N THR A 372 31.09 -0.56 8.30
CA THR A 372 31.33 -1.96 7.96
C THR A 372 31.42 -2.86 9.18
N GLU A 373 31.67 -2.29 10.35
CA GLU A 373 31.81 -3.10 11.55
C GLU A 373 30.45 -3.63 12.01
N LYS A 374 30.49 -4.68 12.80
CA LYS A 374 29.24 -5.22 13.33
C LYS A 374 28.73 -4.28 14.44
N SER A 375 27.47 -4.47 14.82
CA SER A 375 26.84 -3.64 15.86
C SER A 375 26.45 -4.49 17.05
N PRO A 376 27.29 -4.58 18.08
CA PRO A 376 26.85 -5.26 19.32
C PRO A 376 25.62 -4.60 19.94
N GLU A 377 25.47 -3.30 19.76
CA GLU A 377 24.27 -2.61 20.26
C GLU A 377 23.00 -3.19 19.63
N ALA A 378 22.97 -3.31 18.30
CA ALA A 378 21.80 -3.89 17.66
C ALA A 378 21.54 -5.31 18.16
N ALA A 379 22.60 -6.12 18.22
CA ALA A 379 22.41 -7.52 18.62
C ALA A 379 21.89 -7.62 20.04
N SER A 380 22.27 -6.69 20.91
CA SER A 380 21.86 -6.78 22.31
C SER A 380 20.37 -6.53 22.53
N ARG A 381 19.65 -6.02 21.52
CA ARG A 381 18.22 -5.74 21.64
C ARG A 381 17.34 -6.88 21.13
N SER A 382 17.92 -8.04 20.86
CA SER A 382 17.21 -9.08 20.12
C SER A 382 15.92 -9.54 20.81
N ASN A 383 15.85 -9.46 22.12
CA ASN A 383 14.60 -9.89 22.76
C ASN A 383 13.43 -8.94 22.50
N ASN A 384 13.70 -7.74 21.98
CA ASN A 384 12.63 -6.81 21.64
C ASN A 384 12.07 -7.05 20.25
N ASP A 385 12.66 -7.97 19.50
CA ASP A 385 12.15 -8.31 18.19
C ASP A 385 10.93 -9.22 18.38
N ALA A 386 11.17 -10.49 18.67
CA ALA A 386 10.09 -11.43 18.98
C ALA A 386 9.07 -11.55 17.85
N CYS A 387 9.50 -11.31 16.61
CA CYS A 387 8.66 -11.60 15.45
C CYS A 387 8.82 -13.07 15.05
N HIS A 388 8.43 -13.95 15.97
CA HIS A 388 8.79 -15.36 15.83
C HIS A 388 8.18 -15.96 14.58
N HIS A 389 6.97 -15.54 14.23
CA HIS A 389 6.28 -16.00 13.03
C HIS A 389 6.99 -15.57 11.76
N HIS A 390 7.97 -14.68 11.85
CA HIS A 390 8.70 -14.23 10.67
C HIS A 390 10.09 -14.85 10.61
#